data_1OHB
#
_entry.id   1OHB
#
_cell.length_a   59.242
_cell.length_b   71.449
_cell.length_c   107.230
_cell.angle_alpha   90.00
_cell.angle_beta   90.00
_cell.angle_gamma   90.00
#
_symmetry.space_group_name_H-M   'C 2 2 21'
#
loop_
_entity.id
_entity.type
_entity.pdbx_description
1 polymer 'ACETYLGLUTAMATE KINASE'
2 non-polymer 'SULFATE ION'
3 non-polymer "ADENOSINE-5'-DIPHOSPHATE"
4 non-polymer 'ACETATE ION'
5 water water
#
_entity_poly.entity_id   1
_entity_poly.type   'polypeptide(L)'
_entity_poly.pdbx_seq_one_letter_code
;MMNPLIIKLGGVLLDSEEALERLFSALVNYRESHQRPLVIVHGGGCVVDELMKGLNLPVKKKNGLRVTPADQIDIITGAL
AGTANKTLLAWAKKHQIAAVGLFLGDGDSVKVTQLDEELGHVGLAQPGSPKLINSLLENGYLPVVSSIGVTDEGQLMNVN
ADQAATALAATLGADLILLSDVSGILDGKGQRIAEMTAAKAEQLIEQGIITDGMIVKVNAALDAARTLGRPVDIASWRHA
EQLPALFNGMPMGTRILA
;
_entity_poly.pdbx_strand_id   A
#
# COMPACT_ATOMS: atom_id res chain seq x y z
N MET A 1 17.25 -10.07 -13.47
CA MET A 1 16.92 -9.65 -12.08
C MET A 1 15.69 -10.41 -11.57
N MET A 2 15.64 -10.63 -10.27
CA MET A 2 14.54 -11.36 -9.64
C MET A 2 13.26 -10.55 -9.58
N ASN A 3 12.15 -11.23 -9.30
CA ASN A 3 10.86 -10.56 -9.14
C ASN A 3 11.03 -9.68 -7.91
N PRO A 4 10.70 -8.39 -8.00
CA PRO A 4 10.88 -7.58 -6.80
C PRO A 4 9.87 -7.93 -5.70
N LEU A 5 10.05 -7.32 -4.54
CA LEU A 5 9.13 -7.52 -3.42
C LEU A 5 8.56 -6.14 -3.09
N ILE A 6 7.25 -6.01 -3.13
CA ILE A 6 6.62 -4.74 -2.79
C ILE A 6 6.14 -4.81 -1.34
N ILE A 7 6.53 -3.82 -0.55
CA ILE A 7 6.07 -3.73 0.83
C ILE A 7 5.22 -2.46 0.86
N LYS A 8 3.94 -2.63 1.14
CA LYS A 8 3.01 -1.51 1.18
C LYS A 8 2.86 -1.02 2.62
N LEU A 9 3.00 0.29 2.79
CA LEU A 9 2.90 0.94 4.10
C LEU A 9 1.70 1.87 4.16
N GLY A 10 1.16 2.05 5.36
CA GLY A 10 0.01 2.91 5.54
C GLY A 10 -0.36 2.96 7.00
N GLY A 11 -1.60 3.35 7.29
CA GLY A 11 -2.06 3.41 8.67
C GLY A 11 -1.41 4.51 9.47
N VAL A 12 -1.23 4.28 10.76
CA VAL A 12 -0.63 5.28 11.64
C VAL A 12 0.89 5.14 11.77
N LEU A 13 1.49 4.30 10.92
CA LEU A 13 2.93 4.11 10.96
C LEU A 13 3.72 5.42 10.97
N LEU A 14 3.33 6.37 10.13
CA LEU A 14 4.06 7.64 10.06
C LEU A 14 3.91 8.51 11.30
N ASP A 15 3.06 8.10 12.23
CA ASP A 15 2.87 8.86 13.47
C ASP A 15 3.88 8.43 14.52
N SER A 16 4.64 7.38 14.22
CA SER A 16 5.63 6.87 15.17
C SER A 16 7.05 6.87 14.63
N GLU A 17 7.88 7.72 15.20
N GLU A 17 7.89 7.72 15.21
CA GLU A 17 9.29 7.80 14.79
CA GLU A 17 9.29 7.80 14.79
C GLU A 17 9.95 6.49 15.16
C GLU A 17 9.95 6.49 15.16
N GLU A 18 9.55 5.93 16.29
CA GLU A 18 10.10 4.67 16.77
C GLU A 18 9.77 3.54 15.78
N ALA A 19 8.50 3.46 15.38
CA ALA A 19 8.08 2.43 14.43
C ALA A 19 8.79 2.60 13.08
N LEU A 20 8.96 3.84 12.65
CA LEU A 20 9.64 4.10 11.39
C LEU A 20 11.10 3.68 11.47
N GLU A 21 11.74 3.95 12.60
CA GLU A 21 13.14 3.57 12.77
C GLU A 21 13.29 2.05 12.74
N ARG A 22 12.45 1.36 13.50
CA ARG A 22 12.51 -0.09 13.56
C ARG A 22 12.20 -0.70 12.20
N LEU A 23 11.29 -0.07 11.46
CA LEU A 23 10.93 -0.55 10.14
C LEU A 23 12.12 -0.39 9.21
N PHE A 24 12.68 0.81 9.15
CA PHE A 24 13.82 1.01 8.26
C PHE A 24 15.03 0.19 8.63
N SER A 25 15.16 -0.14 9.91
CA SER A 25 16.26 -0.99 10.34
C SER A 25 16.05 -2.34 9.67
N ALA A 26 14.82 -2.83 9.70
CA ALA A 26 14.48 -4.12 9.10
C ALA A 26 14.62 -4.06 7.58
N LEU A 27 14.31 -2.91 6.99
CA LEU A 27 14.44 -2.75 5.55
C LEU A 27 15.90 -2.82 5.12
N VAL A 28 16.76 -2.13 5.85
CA VAL A 28 18.19 -2.14 5.56
C VAL A 28 18.72 -3.56 5.70
N ASN A 29 18.33 -4.24 6.77
CA ASN A 29 18.77 -5.62 7.00
C ASN A 29 18.31 -6.52 5.85
N TYR A 30 17.06 -6.35 5.41
CA TYR A 30 16.54 -7.15 4.31
C TYR A 30 17.38 -6.92 3.06
N ARG A 31 17.56 -5.65 2.71
CA ARG A 31 18.34 -5.28 1.52
C ARG A 31 19.74 -5.85 1.51
N GLU A 32 20.42 -5.78 2.65
CA GLU A 32 21.79 -6.28 2.76
C GLU A 32 21.93 -7.78 2.93
N SER A 33 20.82 -8.51 2.84
CA SER A 33 20.86 -9.96 2.99
C SER A 33 20.01 -10.67 1.92
N HIS A 34 19.51 -9.90 0.96
CA HIS A 34 18.70 -10.45 -0.13
C HIS A 34 19.07 -9.88 -1.48
N GLN A 35 18.79 -10.65 -2.52
CA GLN A 35 19.07 -10.23 -3.89
C GLN A 35 17.80 -9.72 -4.55
N ARG A 36 16.66 -10.03 -3.93
CA ARG A 36 15.37 -9.58 -4.45
C ARG A 36 15.29 -8.08 -4.17
N PRO A 37 15.07 -7.27 -5.21
CA PRO A 37 14.97 -5.81 -5.03
C PRO A 37 13.66 -5.37 -4.40
N LEU A 38 13.74 -4.40 -3.50
CA LEU A 38 12.55 -3.88 -2.83
C LEU A 38 11.92 -2.68 -3.51
N VAL A 39 10.61 -2.57 -3.34
CA VAL A 39 9.84 -1.46 -3.85
C VAL A 39 8.85 -1.13 -2.74
N ILE A 40 8.68 0.15 -2.43
CA ILE A 40 7.73 0.54 -1.42
C ILE A 40 6.58 1.28 -2.05
N VAL A 41 5.36 0.96 -1.62
CA VAL A 41 4.15 1.64 -2.08
C VAL A 41 3.53 2.09 -0.77
N HIS A 42 2.98 3.29 -0.74
CA HIS A 42 2.39 3.78 0.51
C HIS A 42 1.12 4.59 0.28
N GLY A 43 0.29 4.65 1.32
CA GLY A 43 -0.94 5.43 1.25
C GLY A 43 -0.71 6.69 2.07
N GLY A 44 -1.80 7.41 2.37
CA GLY A 44 -1.69 8.64 3.15
C GLY A 44 -1.74 8.41 4.65
N GLY A 45 -2.49 7.40 5.07
CA GLY A 45 -2.60 7.08 6.48
C GLY A 45 -2.93 8.24 7.41
N CYS A 46 -2.19 8.34 8.51
CA CYS A 46 -2.42 9.39 9.50
C CYS A 46 -2.06 10.80 9.01
N VAL A 47 -1.16 10.89 8.03
CA VAL A 47 -0.77 12.19 7.51
C VAL A 47 -1.97 12.91 6.91
N VAL A 48 -2.72 12.21 6.06
CA VAL A 48 -3.91 12.78 5.45
C VAL A 48 -5.03 12.96 6.49
N ASP A 49 -5.27 11.91 7.27
CA ASP A 49 -6.33 11.94 8.28
C ASP A 49 -6.22 13.10 9.27
N GLU A 50 -5.02 13.31 9.77
CA GLU A 50 -4.79 14.39 10.73
C GLU A 50 -4.95 15.76 10.09
N LEU A 51 -4.51 15.88 8.84
CA LEU A 51 -4.64 17.15 8.15
C LEU A 51 -6.12 17.46 7.94
N MET A 52 -6.85 16.51 7.38
N MET A 52 -6.85 16.51 7.38
CA MET A 52 -8.27 16.69 7.12
CA MET A 52 -8.28 16.68 7.13
C MET A 52 -9.00 17.01 8.43
C MET A 52 -9.00 17.01 8.43
N LYS A 53 -8.68 16.27 9.48
CA LYS A 53 -9.29 16.48 10.79
C LYS A 53 -9.00 17.91 11.25
N GLY A 54 -7.76 18.35 11.00
CA GLY A 54 -7.35 19.69 11.38
C GLY A 54 -8.03 20.77 10.56
N LEU A 55 -8.31 20.49 9.29
CA LEU A 55 -8.97 21.46 8.43
C LEU A 55 -10.48 21.40 8.60
N ASN A 56 -10.91 20.56 9.53
CA ASN A 56 -12.33 20.39 9.81
C ASN A 56 -13.07 19.85 8.58
N LEU A 57 -12.37 19.05 7.78
CA LEU A 57 -12.95 18.44 6.59
C LEU A 57 -13.41 17.03 6.90
N PRO A 58 -14.67 16.71 6.55
CA PRO A 58 -15.24 15.39 6.79
C PRO A 58 -14.58 14.32 5.93
N VAL A 59 -14.64 13.08 6.40
CA VAL A 59 -14.09 11.95 5.64
C VAL A 59 -15.22 10.94 5.52
N LYS A 60 -15.89 10.96 4.38
CA LYS A 60 -17.00 10.06 4.12
C LYS A 60 -16.61 8.92 3.19
N LYS A 61 -17.13 7.73 3.45
CA LYS A 61 -16.82 6.56 2.63
C LYS A 61 -18.05 5.99 1.96
N LYS A 62 -17.84 5.37 0.81
CA LYS A 62 -18.89 4.73 0.05
C LYS A 62 -18.34 3.42 -0.50
N ASN A 63 -18.62 2.34 0.21
CA ASN A 63 -18.16 1.01 -0.18
C ASN A 63 -16.67 0.84 0.11
N GLY A 64 -16.23 1.34 1.26
CA GLY A 64 -14.83 1.23 1.65
C GLY A 64 -13.91 2.31 1.11
N LEU A 65 -14.33 2.98 0.05
CA LEU A 65 -13.52 4.04 -0.55
C LEU A 65 -14.01 5.40 -0.08
N ARG A 66 -13.08 6.26 0.31
N ARG A 66 -13.06 6.26 0.27
CA ARG A 66 -13.45 7.59 0.79
CA ARG A 66 -13.38 7.60 0.73
C ARG A 66 -13.66 8.57 -0.35
C ARG A 66 -13.69 8.54 -0.42
N VAL A 67 -14.81 9.25 -0.31
CA VAL A 67 -15.19 10.21 -1.32
C VAL A 67 -14.11 11.30 -1.36
N THR A 68 -13.67 11.66 -2.57
CA THR A 68 -12.64 12.69 -2.71
C THR A 68 -13.13 13.81 -3.63
N PRO A 69 -13.84 14.80 -3.06
CA PRO A 69 -14.36 15.94 -3.84
C PRO A 69 -13.26 16.69 -4.59
N ALA A 70 -13.62 17.29 -5.72
CA ALA A 70 -12.68 18.02 -6.54
C ALA A 70 -11.95 19.14 -5.79
N ASP A 71 -12.61 19.73 -4.81
CA ASP A 71 -11.99 20.82 -4.06
C ASP A 71 -11.04 20.34 -2.97
N GLN A 72 -10.83 19.03 -2.90
CA GLN A 72 -9.93 18.45 -1.91
C GLN A 72 -8.78 17.62 -2.50
N ILE A 73 -8.87 17.31 -3.79
CA ILE A 73 -7.82 16.52 -4.41
C ILE A 73 -6.44 17.16 -4.29
N ASP A 74 -6.37 18.48 -4.37
CA ASP A 74 -5.07 19.15 -4.26
C ASP A 74 -4.44 18.99 -2.88
N ILE A 75 -5.22 19.23 -1.84
CA ILE A 75 -4.67 19.11 -0.48
C ILE A 75 -4.33 17.65 -0.14
N ILE A 76 -5.15 16.70 -0.60
CA ILE A 76 -4.87 15.29 -0.33
C ILE A 76 -3.63 14.86 -1.11
N THR A 77 -3.53 15.29 -2.36
CA THR A 77 -2.35 14.97 -3.17
C THR A 77 -1.12 15.53 -2.45
N GLY A 78 -1.26 16.71 -1.87
CA GLY A 78 -0.15 17.31 -1.14
C GLY A 78 0.29 16.47 0.04
N ALA A 79 -0.67 16.06 0.86
CA ALA A 79 -0.38 15.25 2.03
C ALA A 79 0.13 13.86 1.69
N LEU A 80 -0.47 13.26 0.67
CA LEU A 80 -0.09 11.91 0.28
C LEU A 80 1.14 11.82 -0.63
N ALA A 81 1.07 12.46 -1.80
CA ALA A 81 2.17 12.41 -2.75
C ALA A 81 3.33 13.33 -2.31
N GLY A 82 3.04 14.27 -1.44
CA GLY A 82 4.08 15.18 -0.98
C GLY A 82 4.66 14.84 0.37
N THR A 83 3.91 15.13 1.43
CA THR A 83 4.38 14.90 2.80
C THR A 83 4.72 13.45 3.14
N ALA A 84 3.78 12.53 2.91
CA ALA A 84 4.02 11.13 3.22
C ALA A 84 5.18 10.58 2.39
N ASN A 85 5.15 10.82 1.09
CA ASN A 85 6.20 10.31 0.22
C ASN A 85 7.58 10.81 0.62
N LYS A 86 7.70 12.13 0.80
CA LYS A 86 9.00 12.71 1.15
C LYS A 86 9.47 12.37 2.56
N THR A 87 8.55 12.11 3.48
CA THR A 87 8.94 11.71 4.83
C THR A 87 9.64 10.35 4.72
N LEU A 88 9.07 9.47 3.90
CA LEU A 88 9.64 8.15 3.72
C LEU A 88 11.01 8.24 3.02
N LEU A 89 11.13 9.16 2.07
CA LEU A 89 12.39 9.36 1.37
C LEU A 89 13.46 9.88 2.35
N ALA A 90 13.03 10.70 3.31
CA ALA A 90 13.94 11.26 4.32
C ALA A 90 14.46 10.14 5.21
N TRP A 91 13.58 9.22 5.60
CA TRP A 91 14.00 8.10 6.44
C TRP A 91 14.97 7.21 5.67
N ALA A 92 14.71 7.03 4.37
CA ALA A 92 15.60 6.22 3.54
C ALA A 92 16.97 6.88 3.49
N LYS A 93 17.01 8.19 3.25
CA LYS A 93 18.29 8.91 3.19
C LYS A 93 19.03 8.76 4.50
N LYS A 94 18.31 8.94 5.60
CA LYS A 94 18.87 8.84 6.94
C LYS A 94 19.54 7.47 7.15
N HIS A 95 19.03 6.45 6.45
CA HIS A 95 19.58 5.11 6.56
C HIS A 95 20.47 4.73 5.39
N GLN A 96 20.95 5.75 4.68
CA GLN A 96 21.84 5.57 3.54
C GLN A 96 21.30 4.72 2.40
N ILE A 97 19.99 4.77 2.22
CA ILE A 97 19.33 4.04 1.14
C ILE A 97 19.14 5.03 0.00
N ALA A 98 19.52 4.65 -1.22
CA ALA A 98 19.32 5.54 -2.36
C ALA A 98 17.92 5.23 -2.86
N ALA A 99 16.98 6.12 -2.56
CA ALA A 99 15.60 5.95 -2.96
C ALA A 99 15.18 7.02 -3.96
N VAL A 100 14.09 6.73 -4.67
CA VAL A 100 13.54 7.65 -5.65
C VAL A 100 12.04 7.66 -5.45
N GLY A 101 11.49 8.84 -5.19
CA GLY A 101 10.07 8.97 -4.99
C GLY A 101 9.31 9.05 -6.30
N LEU A 102 8.19 8.34 -6.38
CA LEU A 102 7.37 8.34 -7.59
C LEU A 102 5.90 8.32 -7.20
N PHE A 103 5.04 8.66 -8.15
CA PHE A 103 3.60 8.53 -7.90
C PHE A 103 3.15 7.60 -9.04
N LEU A 104 1.90 7.13 -9.02
CA LEU A 104 1.45 6.18 -10.01
C LEU A 104 1.59 6.56 -11.49
N GLY A 105 1.59 7.85 -11.79
CA GLY A 105 1.72 8.28 -13.19
C GLY A 105 3.13 8.31 -13.76
N ASP A 106 4.13 8.31 -12.90
CA ASP A 106 5.51 8.33 -13.39
C ASP A 106 5.78 7.08 -14.23
N GLY A 107 6.19 7.30 -15.48
CA GLY A 107 6.47 6.20 -16.38
C GLY A 107 5.23 5.37 -16.64
N ASP A 108 4.06 5.94 -16.40
N ASP A 108 4.06 5.94 -16.38
CA ASP A 108 2.80 5.24 -16.58
CA ASP A 108 2.81 5.24 -16.57
C ASP A 108 2.87 3.86 -15.90
C ASP A 108 2.88 3.86 -15.92
N SER A 109 3.48 3.82 -14.73
CA SER A 109 3.64 2.57 -13.98
C SER A 109 2.31 1.87 -13.68
N VAL A 110 1.31 2.65 -13.29
CA VAL A 110 -0.02 2.13 -13.01
C VAL A 110 -1.02 3.04 -13.71
N LYS A 111 -1.87 2.43 -14.55
CA LYS A 111 -2.87 3.20 -15.27
C LYS A 111 -4.05 3.50 -14.37
N VAL A 112 -4.48 4.76 -14.38
CA VAL A 112 -5.58 5.18 -13.52
C VAL A 112 -6.66 5.90 -14.30
N THR A 113 -7.91 5.56 -13.97
CA THR A 113 -9.09 6.16 -14.60
C THR A 113 -10.06 6.48 -13.47
N GLN A 114 -11.04 7.35 -13.74
CA GLN A 114 -12.01 7.68 -12.71
C GLN A 114 -12.88 6.46 -12.43
N LEU A 115 -12.94 6.08 -11.16
CA LEU A 115 -13.71 4.91 -10.75
C LEU A 115 -15.23 5.11 -10.78
N ASP A 116 -15.70 6.19 -10.17
CA ASP A 116 -17.14 6.45 -10.09
C ASP A 116 -17.41 7.92 -9.81
N GLU A 117 -18.27 8.55 -10.62
CA GLU A 117 -18.53 9.97 -10.42
C GLU A 117 -19.04 10.30 -9.01
N GLU A 118 -19.63 9.31 -8.35
CA GLU A 118 -20.14 9.53 -6.99
C GLU A 118 -18.99 9.65 -5.97
N LEU A 119 -17.82 9.16 -6.34
CA LEU A 119 -16.65 9.21 -5.45
C LEU A 119 -15.76 10.43 -5.72
N GLY A 120 -15.98 11.09 -6.85
CA GLY A 120 -15.18 12.25 -7.19
C GLY A 120 -13.85 11.83 -7.78
N HIS A 121 -12.76 12.44 -7.31
CA HIS A 121 -11.44 12.12 -7.83
C HIS A 121 -10.80 10.90 -7.18
N VAL A 122 -11.46 9.75 -7.31
CA VAL A 122 -10.95 8.49 -6.79
C VAL A 122 -10.62 7.68 -8.03
N GLY A 123 -9.40 7.18 -8.10
CA GLY A 123 -9.02 6.42 -9.28
C GLY A 123 -9.12 4.92 -9.16
N LEU A 124 -9.28 4.28 -10.31
CA LEU A 124 -9.32 2.83 -10.42
C LEU A 124 -7.94 2.49 -10.95
N ALA A 125 -7.18 1.69 -10.23
CA ALA A 125 -5.83 1.34 -10.66
C ALA A 125 -5.75 0.01 -11.38
N GLN A 126 -5.06 -0.01 -12.50
CA GLN A 126 -4.86 -1.24 -13.25
C GLN A 126 -3.41 -1.27 -13.69
N PRO A 127 -2.89 -2.46 -14.04
CA PRO A 127 -1.49 -2.59 -14.45
C PRO A 127 -1.04 -1.61 -15.53
N GLY A 128 0.17 -1.10 -15.38
CA GLY A 128 0.72 -0.16 -16.34
C GLY A 128 2.01 -0.70 -16.94
N SER A 129 2.98 0.17 -17.16
CA SER A 129 4.26 -0.23 -17.72
C SER A 129 5.33 -0.40 -16.64
N PRO A 130 6.08 -1.50 -16.67
CA PRO A 130 7.11 -1.74 -15.67
C PRO A 130 8.50 -1.20 -16.07
N LYS A 131 8.59 -0.58 -17.24
CA LYS A 131 9.87 -0.09 -17.72
C LYS A 131 10.63 0.89 -16.81
N LEU A 132 9.99 1.95 -16.36
CA LEU A 132 10.67 2.92 -15.51
C LEU A 132 11.17 2.30 -14.21
N ILE A 133 10.26 1.68 -13.46
CA ILE A 133 10.65 1.07 -12.19
C ILE A 133 11.68 -0.03 -12.37
N ASN A 134 11.53 -0.85 -13.42
CA ASN A 134 12.51 -1.90 -13.66
C ASN A 134 13.90 -1.29 -13.86
N SER A 135 13.96 -0.17 -14.56
CA SER A 135 15.23 0.50 -14.80
C SER A 135 15.84 1.05 -13.51
N LEU A 136 15.00 1.60 -12.64
CA LEU A 136 15.48 2.14 -11.36
C LEU A 136 16.02 1.00 -10.50
N LEU A 137 15.31 -0.12 -10.46
CA LEU A 137 15.73 -1.28 -9.68
C LEU A 137 17.06 -1.79 -10.19
N GLU A 138 17.21 -1.87 -11.51
CA GLU A 138 18.45 -2.33 -12.12
C GLU A 138 19.61 -1.42 -11.72
N ASN A 139 19.34 -0.13 -11.61
CA ASN A 139 20.36 0.85 -11.26
C ASN A 139 20.64 0.97 -9.76
N GLY A 140 19.97 0.14 -8.96
CA GLY A 140 20.20 0.17 -7.52
C GLY A 140 19.36 1.09 -6.66
N TYR A 141 18.27 1.63 -7.19
CA TYR A 141 17.43 2.53 -6.40
C TYR A 141 16.25 1.82 -5.76
N LEU A 142 15.74 2.41 -4.68
CA LEU A 142 14.58 1.89 -3.98
C LEU A 142 13.41 2.82 -4.32
N PRO A 143 12.53 2.39 -5.24
CA PRO A 143 11.39 3.24 -5.60
C PRO A 143 10.40 3.30 -4.43
N VAL A 144 9.94 4.50 -4.10
CA VAL A 144 8.96 4.71 -3.03
C VAL A 144 7.79 5.38 -3.74
N VAL A 145 6.73 4.61 -3.97
CA VAL A 145 5.56 5.05 -4.73
C VAL A 145 4.29 5.41 -3.96
N SER A 146 3.81 6.64 -4.13
CA SER A 146 2.60 7.10 -3.45
C SER A 146 1.37 6.63 -4.23
N SER A 147 0.22 6.61 -3.56
CA SER A 147 -1.00 6.16 -4.20
C SER A 147 -1.82 7.22 -4.92
N ILE A 148 -1.16 8.28 -5.40
CA ILE A 148 -1.85 9.31 -6.15
C ILE A 148 -1.54 8.97 -7.60
N GLY A 149 -2.54 9.14 -8.47
CA GLY A 149 -2.36 8.86 -9.89
C GLY A 149 -2.93 9.98 -10.74
N VAL A 150 -2.94 9.79 -12.05
CA VAL A 150 -3.48 10.81 -12.95
C VAL A 150 -4.07 10.14 -14.19
N THR A 151 -5.20 10.67 -14.66
CA THR A 151 -5.85 10.12 -15.85
C THR A 151 -5.17 10.69 -17.09
N ASP A 152 -5.44 10.08 -18.24
CA ASP A 152 -4.83 10.55 -19.48
C ASP A 152 -5.25 11.99 -19.80
N GLU A 153 -6.36 12.43 -19.21
CA GLU A 153 -6.85 13.79 -19.44
C GLU A 153 -6.22 14.79 -18.47
N GLY A 154 -5.32 14.30 -17.62
CA GLY A 154 -4.65 15.18 -16.68
C GLY A 154 -5.35 15.45 -15.36
N GLN A 155 -6.27 14.58 -14.96
CA GLN A 155 -6.96 14.79 -13.68
C GLN A 155 -6.31 13.94 -12.58
N LEU A 156 -5.96 14.59 -11.47
CA LEU A 156 -5.33 13.87 -10.36
C LEU A 156 -6.35 12.96 -9.70
N MET A 157 -5.91 11.76 -9.35
CA MET A 157 -6.79 10.78 -8.73
C MET A 157 -6.21 10.20 -7.45
N ASN A 158 -7.06 10.05 -6.44
CA ASN A 158 -6.67 9.48 -5.17
C ASN A 158 -7.03 7.99 -5.25
N VAL A 159 -6.02 7.13 -5.17
CA VAL A 159 -6.23 5.69 -5.27
C VAL A 159 -6.03 4.95 -3.96
N ASN A 160 -6.92 4.01 -3.66
CA ASN A 160 -6.79 3.22 -2.43
C ASN A 160 -5.39 2.60 -2.53
N ALA A 161 -4.58 2.80 -1.49
CA ALA A 161 -3.20 2.31 -1.50
C ALA A 161 -3.04 0.80 -1.67
N ASP A 162 -3.95 0.02 -1.11
CA ASP A 162 -3.85 -1.43 -1.27
C ASP A 162 -4.09 -1.79 -2.73
N GLN A 163 -5.10 -1.17 -3.36
CA GLN A 163 -5.40 -1.44 -4.76
C GLN A 163 -4.25 -0.96 -5.65
N ALA A 164 -3.59 0.12 -5.23
CA ALA A 164 -2.47 0.65 -6.00
C ALA A 164 -1.31 -0.34 -5.92
N ALA A 165 -1.09 -0.89 -4.73
CA ALA A 165 -0.02 -1.86 -4.55
C ALA A 165 -0.25 -3.11 -5.40
N THR A 166 -1.49 -3.61 -5.39
N THR A 166 -1.49 -3.62 -5.40
CA THR A 166 -1.84 -4.79 -6.17
CA THR A 166 -1.80 -4.80 -6.18
C THR A 166 -1.63 -4.57 -7.67
C THR A 166 -1.62 -4.56 -7.67
N ALA A 167 -2.02 -3.38 -8.14
CA ALA A 167 -1.88 -3.05 -9.55
C ALA A 167 -0.39 -2.98 -9.92
N LEU A 168 0.44 -2.47 -9.02
CA LEU A 168 1.87 -2.37 -9.29
C LEU A 168 2.50 -3.76 -9.23
N ALA A 169 2.00 -4.60 -8.33
CA ALA A 169 2.53 -5.96 -8.20
C ALA A 169 2.31 -6.68 -9.52
N ALA A 170 1.11 -6.54 -10.08
CA ALA A 170 0.79 -7.17 -11.35
C ALA A 170 1.71 -6.61 -12.44
N THR A 171 1.90 -5.30 -12.43
CA THR A 171 2.74 -4.62 -13.41
C THR A 171 4.18 -5.14 -13.39
N LEU A 172 4.73 -5.30 -12.19
CA LEU A 172 6.10 -5.74 -12.01
C LEU A 172 6.29 -7.25 -11.83
N GLY A 173 5.20 -7.98 -11.63
CA GLY A 173 5.31 -9.42 -11.39
C GLY A 173 6.02 -9.59 -10.06
N ALA A 174 5.68 -8.71 -9.12
CA ALA A 174 6.32 -8.70 -7.80
C ALA A 174 5.57 -9.41 -6.68
N ASP A 175 6.32 -9.91 -5.71
CA ASP A 175 5.73 -10.53 -4.54
C ASP A 175 5.12 -9.34 -3.79
N LEU A 176 4.19 -9.59 -2.90
CA LEU A 176 3.53 -8.49 -2.19
C LEU A 176 3.27 -8.73 -0.71
N ILE A 177 3.55 -7.71 0.09
CA ILE A 177 3.29 -7.76 1.52
C ILE A 177 2.59 -6.46 1.89
N LEU A 178 1.37 -6.55 2.42
CA LEU A 178 0.64 -5.35 2.81
C LEU A 178 0.73 -5.18 4.32
N LEU A 179 1.40 -4.13 4.77
CA LEU A 179 1.54 -3.87 6.20
C LEU A 179 0.47 -2.93 6.72
N SER A 180 -0.20 -3.34 7.79
CA SER A 180 -1.25 -2.52 8.38
C SER A 180 -1.07 -2.40 9.89
N ASP A 181 -1.95 -1.62 10.51
CA ASP A 181 -1.92 -1.41 11.94
C ASP A 181 -2.18 -2.70 12.72
N VAL A 182 -3.07 -3.55 12.20
CA VAL A 182 -3.42 -4.81 12.85
C VAL A 182 -2.74 -6.02 12.20
N SER A 183 -2.66 -7.12 12.94
N SER A 183 -2.64 -7.12 12.93
CA SER A 183 -2.02 -8.33 12.43
CA SER A 183 -2.01 -8.33 12.42
C SER A 183 -2.91 -9.09 11.44
C SER A 183 -2.90 -9.10 11.44
N GLY A 184 -3.00 -8.58 10.22
CA GLY A 184 -3.81 -9.23 9.21
C GLY A 184 -5.31 -8.96 9.32
N ILE A 185 -6.11 -9.92 8.87
N ILE A 185 -6.09 -9.94 8.89
CA ILE A 185 -7.56 -9.79 8.92
CA ILE A 185 -7.55 -9.85 8.92
C ILE A 185 -8.06 -10.45 10.20
C ILE A 185 -8.04 -10.46 10.23
N LEU A 186 -8.91 -9.74 10.95
CA LEU A 186 -9.44 -10.24 12.20
C LEU A 186 -10.83 -10.84 12.07
N ASP A 187 -11.12 -11.88 12.87
CA ASP A 187 -12.43 -12.51 12.82
C ASP A 187 -13.40 -11.77 13.73
N GLY A 188 -14.55 -12.38 13.99
CA GLY A 188 -15.56 -11.74 14.83
C GLY A 188 -15.10 -11.43 16.24
N LYS A 189 -14.17 -12.23 16.77
CA LYS A 189 -13.65 -12.01 18.12
C LYS A 189 -12.43 -11.12 18.11
N GLY A 190 -12.11 -10.57 16.94
CA GLY A 190 -10.95 -9.71 16.83
C GLY A 190 -9.65 -10.49 16.83
N GLN A 191 -9.72 -11.77 16.50
CA GLN A 191 -8.53 -12.61 16.44
C GLN A 191 -8.03 -12.77 15.01
N ARG A 192 -6.71 -12.90 14.88
CA ARG A 192 -6.05 -13.05 13.60
C ARG A 192 -6.50 -14.29 12.81
N ILE A 193 -6.76 -14.10 11.52
CA ILE A 193 -7.14 -15.21 10.65
C ILE A 193 -5.90 -15.57 9.86
N ALA A 194 -5.36 -16.76 10.12
CA ALA A 194 -4.12 -17.22 9.49
C ALA A 194 -4.13 -17.29 7.96
N GLU A 195 -5.17 -17.90 7.39
CA GLU A 195 -5.25 -18.05 5.94
C GLU A 195 -6.58 -17.58 5.36
N MET A 196 -6.53 -17.07 4.15
CA MET A 196 -7.72 -16.56 3.48
C MET A 196 -7.85 -17.01 2.03
N THR A 197 -9.03 -17.47 1.66
CA THR A 197 -9.32 -17.88 0.28
C THR A 197 -10.49 -17.00 -0.17
N ALA A 198 -10.80 -17.02 -1.45
CA ALA A 198 -11.91 -16.21 -1.96
C ALA A 198 -13.22 -16.70 -1.33
N ALA A 199 -13.35 -18.02 -1.20
CA ALA A 199 -14.55 -18.62 -0.62
C ALA A 199 -14.76 -18.14 0.82
N LYS A 200 -13.71 -18.17 1.63
CA LYS A 200 -13.81 -17.73 3.01
C LYS A 200 -14.06 -16.22 3.09
N ALA A 201 -13.40 -15.47 2.21
CA ALA A 201 -13.57 -14.02 2.19
C ALA A 201 -15.03 -13.70 1.90
N GLU A 202 -15.64 -14.44 0.97
CA GLU A 202 -17.04 -14.21 0.63
C GLU A 202 -17.92 -14.42 1.85
N GLN A 203 -17.64 -15.49 2.59
CA GLN A 203 -18.42 -15.80 3.78
C GLN A 203 -18.28 -14.73 4.85
N LEU A 204 -17.04 -14.34 5.14
CA LEU A 204 -16.78 -13.32 6.15
C LEU A 204 -17.43 -11.99 5.81
N ILE A 205 -17.45 -11.65 4.52
CA ILE A 205 -18.07 -10.41 4.09
C ILE A 205 -19.59 -10.54 4.29
N GLU A 206 -20.13 -11.70 3.91
CA GLU A 206 -21.56 -11.95 4.06
C GLU A 206 -21.98 -11.86 5.53
N GLN A 207 -21.11 -12.33 6.42
CA GLN A 207 -21.39 -12.33 7.85
C GLN A 207 -21.12 -10.98 8.51
N GLY A 208 -20.68 -10.01 7.72
CA GLY A 208 -20.40 -8.69 8.28
C GLY A 208 -19.10 -8.61 9.06
N ILE A 209 -18.27 -9.64 8.97
CA ILE A 209 -16.98 -9.66 9.67
C ILE A 209 -15.99 -8.74 8.96
N ILE A 210 -15.91 -8.89 7.64
CA ILE A 210 -15.02 -8.04 6.85
C ILE A 210 -15.88 -6.91 6.28
N THR A 211 -15.53 -5.67 6.61
CA THR A 211 -16.28 -4.52 6.17
C THR A 211 -15.37 -3.36 5.75
N ASP A 212 -15.99 -2.26 5.32
CA ASP A 212 -15.26 -1.06 4.92
C ASP A 212 -14.12 -1.34 3.94
N GLY A 213 -13.00 -0.67 4.15
CA GLY A 213 -11.84 -0.84 3.28
C GLY A 213 -11.23 -2.21 3.36
N MET A 214 -11.55 -2.96 4.40
CA MET A 214 -11.01 -4.31 4.53
C MET A 214 -11.56 -5.15 3.38
N ILE A 215 -12.75 -4.80 2.90
CA ILE A 215 -13.34 -5.52 1.79
C ILE A 215 -12.51 -5.18 0.56
N VAL A 216 -12.10 -3.92 0.47
CA VAL A 216 -11.27 -3.47 -0.64
C VAL A 216 -9.89 -4.10 -0.53
N LYS A 217 -9.34 -4.13 0.68
CA LYS A 217 -8.02 -4.71 0.92
C LYS A 217 -7.96 -6.21 0.60
N VAL A 218 -8.93 -6.97 1.11
CA VAL A 218 -8.93 -8.41 0.87
C VAL A 218 -9.16 -8.73 -0.61
N ASN A 219 -10.12 -8.05 -1.23
CA ASN A 219 -10.40 -8.27 -2.65
C ASN A 219 -9.17 -7.93 -3.49
N ALA A 220 -8.45 -6.90 -3.06
CA ALA A 220 -7.25 -6.48 -3.77
C ALA A 220 -6.18 -7.56 -3.62
N ALA A 221 -5.99 -8.04 -2.39
CA ALA A 221 -5.00 -9.08 -2.12
C ALA A 221 -5.35 -10.36 -2.87
N LEU A 222 -6.62 -10.72 -2.89
CA LEU A 222 -7.07 -11.91 -3.60
C LEU A 222 -6.80 -11.75 -5.09
N ASP A 223 -7.00 -10.54 -5.58
CA ASP A 223 -6.78 -10.25 -6.99
C ASP A 223 -5.30 -10.43 -7.32
N ALA A 224 -4.43 -9.91 -6.47
CA ALA A 224 -2.99 -10.04 -6.67
C ALA A 224 -2.58 -11.51 -6.61
N ALA A 225 -3.10 -12.23 -5.62
CA ALA A 225 -2.79 -13.65 -5.44
C ALA A 225 -3.09 -14.49 -6.68
N ARG A 226 -4.28 -14.30 -7.25
CA ARG A 226 -4.65 -15.07 -8.43
C ARG A 226 -3.85 -14.64 -9.66
N THR A 227 -3.59 -13.33 -9.78
CA THR A 227 -2.84 -12.82 -10.92
C THR A 227 -1.38 -13.29 -10.89
N LEU A 228 -0.73 -13.14 -9.75
CA LEU A 228 0.67 -13.54 -9.61
C LEU A 228 0.82 -15.06 -9.57
N GLY A 229 -0.18 -15.74 -9.02
CA GLY A 229 -0.10 -17.19 -8.93
C GLY A 229 0.56 -17.63 -7.63
N ARG A 230 0.68 -16.72 -6.69
CA ARG A 230 1.28 -17.04 -5.40
C ARG A 230 0.66 -16.21 -4.27
N PRO A 231 0.81 -16.67 -3.01
CA PRO A 231 0.27 -15.99 -1.84
C PRO A 231 0.72 -14.55 -1.60
N VAL A 232 -0.16 -13.77 -0.99
CA VAL A 232 0.09 -12.38 -0.64
C VAL A 232 -0.14 -12.29 0.87
N ASP A 233 0.73 -11.56 1.57
CA ASP A 233 0.58 -11.43 3.02
C ASP A 233 0.10 -10.07 3.49
N ILE A 234 -0.75 -10.09 4.51
CA ILE A 234 -1.25 -8.88 5.13
C ILE A 234 -0.76 -9.04 6.57
N ALA A 235 0.08 -8.12 7.03
CA ALA A 235 0.62 -8.20 8.39
C ALA A 235 0.80 -6.84 9.03
N SER A 236 1.21 -6.84 10.30
CA SER A 236 1.41 -5.61 11.05
C SER A 236 2.84 -5.08 11.00
N TRP A 237 2.96 -3.75 11.14
CA TRP A 237 4.25 -3.08 11.14
C TRP A 237 4.62 -2.68 12.59
N ARG A 238 3.69 -2.93 13.50
N ARG A 238 3.69 -2.93 13.50
CA ARG A 238 3.87 -2.58 14.91
CA ARG A 238 3.87 -2.58 14.91
C ARG A 238 4.94 -3.29 15.72
C ARG A 238 4.96 -3.28 15.71
N HIS A 239 5.08 -4.59 15.52
CA HIS A 239 6.07 -5.35 16.28
C HIS A 239 7.40 -5.60 15.57
N ALA A 240 8.37 -4.79 15.94
CA ALA A 240 9.73 -4.81 15.40
C ALA A 240 10.37 -6.18 15.31
N GLU A 241 10.27 -6.96 16.39
CA GLU A 241 10.88 -8.27 16.42
C GLU A 241 10.33 -9.20 15.33
N GLN A 242 9.13 -8.92 14.84
CA GLN A 242 8.50 -9.76 13.83
C GLN A 242 8.83 -9.41 12.38
N LEU A 243 9.28 -8.18 12.15
CA LEU A 243 9.58 -7.74 10.78
C LEU A 243 10.60 -8.54 9.98
N PRO A 244 11.80 -8.81 10.53
CA PRO A 244 12.81 -9.57 9.77
C PRO A 244 12.30 -10.91 9.23
N ALA A 245 11.68 -11.72 10.09
CA ALA A 245 11.15 -13.01 9.68
C ALA A 245 10.01 -12.86 8.69
N LEU A 246 9.14 -11.89 8.92
CA LEU A 246 8.02 -11.63 8.03
C LEU A 246 8.51 -11.34 6.61
N PHE A 247 9.46 -10.42 6.50
CA PHE A 247 10.01 -10.04 5.20
C PHE A 247 10.67 -11.23 4.50
N ASN A 248 11.12 -12.20 5.30
CA ASN A 248 11.78 -13.38 4.75
C ASN A 248 10.78 -14.51 4.49
N GLY A 249 9.53 -14.32 4.90
CA GLY A 249 8.52 -15.34 4.66
C GLY A 249 7.75 -15.95 5.82
N MET A 250 8.16 -15.70 7.06
CA MET A 250 7.45 -16.26 8.20
C MET A 250 6.03 -15.68 8.27
N PRO A 251 5.01 -16.54 8.29
CA PRO A 251 3.61 -16.10 8.37
C PRO A 251 3.27 -15.44 9.69
N MET A 252 3.14 -14.11 9.68
CA MET A 252 2.85 -13.34 10.87
C MET A 252 1.46 -12.70 10.88
N GLY A 253 0.74 -12.79 9.77
CA GLY A 253 -0.59 -12.19 9.72
C GLY A 253 -1.57 -13.08 8.98
N THR A 254 -2.12 -12.58 7.89
CA THR A 254 -3.06 -13.35 7.10
C THR A 254 -2.49 -13.62 5.71
N ARG A 255 -2.35 -14.90 5.38
CA ARG A 255 -1.83 -15.25 4.06
C ARG A 255 -2.99 -15.45 3.10
N ILE A 256 -3.04 -14.61 2.07
CA ILE A 256 -4.08 -14.67 1.07
C ILE A 256 -3.69 -15.72 0.05
N LEU A 257 -4.50 -16.76 -0.07
CA LEU A 257 -4.19 -17.85 -0.99
C LEU A 257 -4.70 -17.61 -2.40
N ALA A 258 -3.82 -17.88 -3.37
CA ALA A 258 -4.15 -17.70 -4.78
C ALA A 258 -5.25 -18.65 -5.23
#